data_3GJQ
#
_entry.id   3GJQ
#
_cell.length_a   69.099
_cell.length_b   88.247
_cell.length_c   96.634
_cell.angle_alpha   90.00
_cell.angle_beta   90.00
_cell.angle_gamma   90.00
#
_symmetry.space_group_name_H-M   'P 21 21 21'
#
loop_
_entity.id
_entity.type
_entity.pdbx_description
1 polymer 'Caspase-3 subunit p17'
2 polymer 'Caspase-3 subunit p12'
3 polymer 'peptide inhibitor'
4 water water
#
loop_
_entity_poly.entity_id
_entity_poly.type
_entity_poly.pdbx_seq_one_letter_code
_entity_poly.pdbx_strand_id
1 'polypeptide(L)'
;SGISLDNSYKMDYPEMGLCIIINNKNFHKSTGMTSRSGTDVDAANLRETFRNLKYEVRNKNDLTREEIVELMRDVSKEDH
SKRSSFVCVLLSHGEEGIIFGTNGPVDLKKITNFFRGDRCRSLTGKPKLFIIQACRGTELDCGIETD
;
A,C
2 'polypeptide(L)'
;SGVDDDMACHKIPVEADFLYAYSTAPGYYSWRNSKDGSWFIQSLCAMLKQYADKLEFMHILTRVNRKVATEFESFSFDAT
FHAKKQIPCIVSMLTKELYFYHHHHHHH
;
B,D
3 'polypeptide(L)' (ACE)WEHD E,F
#
loop_
_chem_comp.id
_chem_comp.type
_chem_comp.name
_chem_comp.formula
ACE non-polymer 'ACETYL GROUP' 'C2 H4 O'
#
# COMPACT_ATOMS: atom_id res chain seq x y z
N ASP A 6 -6.36 -18.63 13.17
CA ASP A 6 -5.61 -17.42 13.62
C ASP A 6 -5.24 -16.59 12.40
N ASN A 7 -5.71 -17.00 11.24
CA ASN A 7 -5.42 -16.29 9.99
C ASN A 7 -6.44 -15.20 9.71
N SER A 8 -7.59 -15.29 10.36
CA SER A 8 -8.65 -14.32 10.16
C SER A 8 -9.04 -13.57 11.41
N TYR A 9 -9.24 -12.27 11.22
CA TYR A 9 -9.69 -11.41 12.30
C TYR A 9 -11.02 -11.87 12.85
N LYS A 10 -11.17 -11.73 14.15
CA LYS A 10 -12.40 -12.10 14.84
C LYS A 10 -13.48 -11.08 14.44
N MET A 11 -14.50 -11.56 13.74
CA MET A 11 -15.59 -10.70 13.27
C MET A 11 -16.93 -11.16 13.87
N ASP A 12 -16.87 -11.98 14.92
CA ASP A 12 -18.07 -12.47 15.58
C ASP A 12 -18.40 -11.69 16.85
N TYR A 13 -17.90 -10.45 16.95
CA TYR A 13 -18.23 -9.63 18.11
C TYR A 13 -19.71 -9.27 18.00
N PRO A 14 -20.30 -8.78 19.09
CA PRO A 14 -21.72 -8.40 19.06
C PRO A 14 -22.06 -7.45 17.91
N GLU A 15 -21.15 -6.50 17.67
CA GLU A 15 -21.31 -5.49 16.63
C GLU A 15 -20.11 -5.47 15.67
N MET A 16 -20.39 -5.30 14.38
CA MET A 16 -19.33 -5.23 13.36
C MET A 16 -18.46 -4.00 13.60
N GLY A 17 -19.10 -2.90 13.97
CA GLY A 17 -18.37 -1.66 14.22
C GLY A 17 -18.99 -0.43 13.60
N LEU A 18 -18.33 0.71 13.78
CA LEU A 18 -18.79 1.97 13.23
C LEU A 18 -18.32 2.13 11.79
N CYS A 19 -18.92 3.09 11.11
CA CYS A 19 -18.56 3.38 9.73
C CYS A 19 -18.73 4.87 9.52
N ILE A 20 -17.72 5.65 9.92
CA ILE A 20 -17.79 7.10 9.77
C ILE A 20 -17.55 7.51 8.34
N ILE A 21 -18.47 8.29 7.77
CA ILE A 21 -18.34 8.76 6.40
C ILE A 21 -18.37 10.29 6.36
N ILE A 22 -17.23 10.90 6.10
CA ILE A 22 -17.15 12.35 6.05
C ILE A 22 -17.33 12.80 4.59
N ASN A 23 -18.51 13.35 4.31
CA ASN A 23 -18.87 13.80 2.96
C ASN A 23 -18.75 15.31 2.80
N ASN A 24 -17.75 15.76 2.05
CA ASN A 24 -17.54 17.18 1.81
C ASN A 24 -17.80 17.56 0.35
N LYS A 25 -18.78 18.43 0.13
CA LYS A 25 -19.11 18.85 -1.22
C LYS A 25 -18.91 20.33 -1.48
N ASN A 26 -19.18 21.15 -0.48
CA ASN A 26 -19.04 22.59 -0.64
C ASN A 26 -17.85 23.14 0.13
N PHE A 27 -17.04 23.94 -0.52
CA PHE A 27 -15.86 24.51 0.12
C PHE A 27 -15.93 26.03 0.15
N HIS A 28 -15.24 26.62 1.12
CA HIS A 28 -15.25 28.07 1.25
C HIS A 28 -14.66 28.74 0.01
N LYS A 29 -15.20 29.89 -0.35
CA LYS A 29 -14.76 30.62 -1.52
C LYS A 29 -13.30 31.05 -1.43
N SER A 30 -12.78 31.15 -0.22
CA SER A 30 -11.39 31.55 -0.02
C SER A 30 -10.43 30.37 -0.01
N THR A 31 -10.79 29.29 -0.70
CA THR A 31 -9.94 28.11 -0.76
C THR A 31 -9.67 27.72 -2.20
N GLY A 32 -10.64 28.00 -3.06
CA GLY A 32 -10.49 27.67 -4.47
C GLY A 32 -10.79 26.22 -4.81
N MET A 33 -11.88 25.69 -4.28
CA MET A 33 -12.25 24.31 -4.58
C MET A 33 -13.63 24.22 -5.24
N THR A 34 -13.67 23.56 -6.38
CA THR A 34 -14.91 23.38 -7.12
C THR A 34 -15.79 22.37 -6.41
N SER A 35 -17.04 22.73 -6.18
CA SER A 35 -17.98 21.84 -5.53
C SER A 35 -17.88 20.43 -6.13
N ARG A 36 -17.75 19.42 -5.28
CA ARG A 36 -17.61 18.03 -5.74
C ARG A 36 -18.95 17.41 -6.08
N SER A 37 -19.46 17.72 -7.27
CA SER A 37 -20.75 17.20 -7.70
C SER A 37 -20.71 15.70 -7.95
N GLY A 38 -21.57 14.97 -7.24
CA GLY A 38 -21.63 13.53 -7.41
C GLY A 38 -21.33 12.80 -6.11
N THR A 39 -20.57 13.46 -5.23
CA THR A 39 -20.20 12.86 -3.97
C THR A 39 -21.42 12.47 -3.14
N ASP A 40 -22.56 13.05 -3.46
CA ASP A 40 -23.81 12.73 -2.77
C ASP A 40 -24.21 11.29 -3.10
N VAL A 41 -24.00 10.91 -4.36
CA VAL A 41 -24.34 9.57 -4.79
C VAL A 41 -23.40 8.58 -4.10
N ASP A 42 -22.11 8.92 -4.04
CA ASP A 42 -21.14 8.07 -3.39
C ASP A 42 -21.48 7.89 -1.91
N ALA A 43 -21.75 8.98 -1.22
CA ALA A 43 -22.10 8.90 0.20
C ALA A 43 -23.27 7.97 0.42
N ALA A 44 -24.32 8.11 -0.38
CA ALA A 44 -25.52 7.29 -0.24
C ALA A 44 -25.28 5.83 -0.62
N ASN A 45 -24.47 5.63 -1.64
CA ASN A 45 -24.16 4.29 -2.11
C ASN A 45 -23.41 3.54 -1.01
N LEU A 46 -22.47 4.25 -0.36
CA LEU A 46 -21.68 3.68 0.72
C LEU A 46 -22.58 3.25 1.88
N ARG A 47 -23.42 4.18 2.31
CA ARG A 47 -24.36 3.94 3.41
C ARG A 47 -25.11 2.64 3.25
N GLU A 48 -25.71 2.42 2.08
CA GLU A 48 -26.47 1.20 1.87
C GLU A 48 -25.56 -0.02 1.83
N THR A 49 -24.42 0.11 1.17
CA THR A 49 -23.46 -0.98 1.08
C THR A 49 -23.01 -1.42 2.48
N PHE A 50 -22.55 -0.47 3.30
CA PHE A 50 -22.11 -0.80 4.64
C PHE A 50 -23.24 -1.22 5.58
N ARG A 51 -24.46 -0.74 5.35
CA ARG A 51 -25.54 -1.15 6.21
C ARG A 51 -25.78 -2.64 5.96
N ASN A 52 -25.59 -3.11 4.74
CA ASN A 52 -25.78 -4.53 4.48
C ASN A 52 -24.71 -5.37 5.15
N LEU A 53 -23.53 -4.77 5.31
CA LEU A 53 -22.40 -5.45 5.94
C LEU A 53 -22.53 -5.45 7.45
N LYS A 54 -23.65 -4.92 7.93
CA LYS A 54 -24.00 -4.82 9.34
C LYS A 54 -23.27 -3.76 10.15
N TYR A 55 -22.90 -2.66 9.52
CA TYR A 55 -22.20 -1.57 10.19
C TYR A 55 -23.14 -0.46 10.67
N GLU A 56 -22.77 0.18 11.78
CA GLU A 56 -23.52 1.30 12.31
C GLU A 56 -22.98 2.48 11.51
N VAL A 57 -23.70 2.88 10.47
CA VAL A 57 -23.26 3.97 9.61
C VAL A 57 -23.64 5.36 10.14
N ARG A 58 -22.66 6.23 10.27
CA ARG A 58 -22.91 7.59 10.73
C ARG A 58 -22.36 8.53 9.66
N ASN A 59 -23.25 9.25 8.98
CA ASN A 59 -22.87 10.19 7.92
C ASN A 59 -22.65 11.60 8.46
N LYS A 60 -21.69 12.29 7.87
CA LYS A 60 -21.40 13.65 8.26
C LYS A 60 -21.16 14.46 7.00
N ASN A 61 -21.74 15.65 6.93
CA ASN A 61 -21.59 16.47 5.74
C ASN A 61 -20.88 17.81 5.92
N ASP A 62 -20.12 18.21 4.90
CA ASP A 62 -19.42 19.48 4.92
C ASP A 62 -18.69 19.82 6.18
N LEU A 63 -17.62 19.11 6.54
CA LEU A 63 -16.92 19.41 7.78
C LEU A 63 -15.66 20.25 7.60
N THR A 64 -15.36 21.04 8.62
CA THR A 64 -14.18 21.89 8.59
C THR A 64 -13.03 21.14 9.23
N ARG A 65 -11.84 21.72 9.08
CA ARG A 65 -10.61 21.14 9.64
C ARG A 65 -10.88 20.70 11.07
N GLU A 66 -11.18 21.68 11.92
CA GLU A 66 -11.44 21.44 13.33
C GLU A 66 -12.50 20.37 13.54
N GLU A 67 -13.68 20.56 12.96
CA GLU A 67 -14.76 19.59 13.12
C GLU A 67 -14.34 18.17 12.78
N ILE A 68 -13.57 18.02 11.70
CA ILE A 68 -13.11 16.70 11.29
C ILE A 68 -12.25 16.09 12.39
N VAL A 69 -11.19 16.81 12.76
CA VAL A 69 -10.30 16.35 13.81
C VAL A 69 -11.06 16.06 15.09
N GLU A 70 -12.07 16.87 15.41
CA GLU A 70 -12.86 16.68 16.62
C GLU A 70 -13.71 15.43 16.54
N LEU A 71 -14.33 15.19 15.39
CA LEU A 71 -15.18 14.02 15.22
C LEU A 71 -14.36 12.76 15.44
N MET A 72 -13.17 12.75 14.85
CA MET A 72 -12.27 11.62 14.96
C MET A 72 -11.77 11.45 16.38
N ARG A 73 -11.37 12.54 17.00
CA ARG A 73 -10.90 12.47 18.38
C ARG A 73 -11.98 11.80 19.23
N ASP A 74 -13.24 12.24 19.11
CA ASP A 74 -14.31 11.67 19.91
C ASP A 74 -14.61 10.20 19.62
N VAL A 75 -14.62 9.85 18.34
CA VAL A 75 -14.90 8.47 17.95
C VAL A 75 -13.82 7.54 18.49
N SER A 76 -12.58 8.04 18.52
CA SER A 76 -11.48 7.25 19.03
C SER A 76 -11.58 7.10 20.55
N LYS A 77 -12.35 7.99 21.19
CA LYS A 77 -12.50 7.97 22.64
C LYS A 77 -13.72 7.14 23.05
N GLU A 78 -14.41 6.60 22.06
CA GLU A 78 -15.57 5.76 22.32
C GLU A 78 -15.10 4.40 22.78
N ASP A 79 -16.05 3.57 23.16
CA ASP A 79 -15.75 2.24 23.63
C ASP A 79 -16.06 1.21 22.55
N HIS A 80 -15.03 0.72 21.88
CA HIS A 80 -15.22 -0.24 20.81
C HIS A 80 -15.10 -1.67 21.28
N SER A 81 -14.97 -1.86 22.58
CA SER A 81 -14.82 -3.19 23.15
C SER A 81 -15.70 -4.28 22.55
N LYS A 82 -16.97 -3.94 22.30
CA LYS A 82 -17.90 -4.91 21.74
C LYS A 82 -17.98 -4.88 20.22
N ARG A 83 -17.12 -4.09 19.60
CA ARG A 83 -17.09 -3.97 18.15
C ARG A 83 -15.93 -4.77 17.55
N SER A 84 -16.11 -5.29 16.35
CA SER A 84 -15.06 -6.08 15.71
C SER A 84 -14.13 -5.31 14.77
N SER A 85 -14.55 -4.12 14.34
CA SER A 85 -13.71 -3.33 13.45
C SER A 85 -14.11 -1.87 13.39
N PHE A 86 -13.46 -1.14 12.49
CA PHE A 86 -13.72 0.27 12.32
C PHE A 86 -13.39 0.72 10.91
N VAL A 87 -14.35 1.39 10.29
CA VAL A 87 -14.20 1.87 8.93
C VAL A 87 -14.43 3.37 8.89
N CYS A 88 -13.62 4.06 8.09
CA CYS A 88 -13.78 5.49 7.96
C CYS A 88 -13.61 5.85 6.48
N VAL A 89 -14.62 6.51 5.95
CA VAL A 89 -14.62 6.91 4.55
C VAL A 89 -14.48 8.41 4.43
N LEU A 90 -13.50 8.84 3.65
CA LEU A 90 -13.26 10.26 3.45
C LEU A 90 -13.48 10.62 1.98
N LEU A 91 -14.45 11.48 1.73
CA LEU A 91 -14.77 11.90 0.36
C LEU A 91 -14.58 13.40 0.25
N SER A 92 -13.52 13.82 -0.42
CA SER A 92 -13.26 15.25 -0.55
C SER A 92 -12.05 15.55 -1.42
N HIS A 93 -11.67 16.82 -1.50
CA HIS A 93 -10.47 17.19 -2.24
C HIS A 93 -9.29 16.77 -1.39
N GLY A 94 -8.10 16.77 -1.96
CA GLY A 94 -6.94 16.39 -1.19
C GLY A 94 -5.65 16.39 -1.98
N GLU A 95 -4.54 16.32 -1.24
CA GLU A 95 -3.21 16.28 -1.83
C GLU A 95 -2.55 15.05 -1.21
N GLU A 96 -1.27 14.85 -1.50
CA GLU A 96 -0.56 13.70 -0.97
C GLU A 96 -0.51 13.70 0.56
N GLY A 97 -1.22 12.75 1.17
CA GLY A 97 -1.24 12.65 2.62
C GLY A 97 -2.02 13.77 3.29
N ILE A 98 -2.94 14.38 2.55
CA ILE A 98 -3.73 15.47 3.09
C ILE A 98 -5.19 15.44 2.67
N ILE A 99 -6.09 15.40 3.64
CA ILE A 99 -7.52 15.42 3.31
C ILE A 99 -8.01 16.86 3.52
N PHE A 100 -8.87 17.33 2.63
CA PHE A 100 -9.37 18.70 2.71
C PHE A 100 -10.71 18.88 3.41
N GLY A 101 -10.74 19.79 4.37
CA GLY A 101 -11.97 20.11 5.06
C GLY A 101 -12.54 21.30 4.30
N THR A 102 -13.82 21.59 4.49
CA THR A 102 -14.48 22.70 3.79
C THR A 102 -13.73 24.04 3.85
N ASN A 103 -12.93 24.24 4.89
CA ASN A 103 -12.23 25.52 5.05
C ASN A 103 -10.73 25.39 4.91
N GLY A 104 -10.20 24.20 5.19
CA GLY A 104 -8.77 24.03 5.07
C GLY A 104 -8.32 22.59 5.07
N PRO A 105 -7.04 22.37 4.75
CA PRO A 105 -6.45 21.03 4.70
C PRO A 105 -6.01 20.49 6.06
N VAL A 106 -5.93 19.18 6.15
CA VAL A 106 -5.52 18.49 7.37
C VAL A 106 -4.83 17.16 7.02
N ASP A 107 -3.70 16.89 7.65
CA ASP A 107 -2.95 15.67 7.38
C ASP A 107 -3.71 14.40 7.73
N LEU A 108 -3.68 13.43 6.83
CA LEU A 108 -4.38 12.18 7.07
C LEU A 108 -3.77 11.49 8.28
N LYS A 109 -2.50 11.77 8.51
CA LYS A 109 -1.78 11.17 9.62
C LYS A 109 -2.41 11.60 10.95
N LYS A 110 -2.68 12.89 11.10
CA LYS A 110 -3.29 13.39 12.34
C LYS A 110 -4.58 12.67 12.68
N ILE A 111 -5.35 12.31 11.66
CA ILE A 111 -6.61 11.60 11.85
C ILE A 111 -6.36 10.17 12.27
N THR A 112 -5.58 9.45 11.47
CA THR A 112 -5.26 8.05 11.73
C THR A 112 -4.57 7.81 13.06
N ASN A 113 -3.78 8.79 13.52
CA ASN A 113 -3.07 8.66 14.78
C ASN A 113 -3.97 8.47 16.00
N PHE A 114 -5.22 8.92 15.91
CA PHE A 114 -6.14 8.79 17.01
C PHE A 114 -6.52 7.33 17.24
N PHE A 115 -6.48 6.53 16.16
CA PHE A 115 -6.84 5.12 16.23
C PHE A 115 -5.66 4.14 16.39
N ARG A 116 -4.49 4.66 16.70
CA ARG A 116 -3.31 3.81 16.89
C ARG A 116 -3.50 2.87 18.07
N GLY A 117 -2.76 1.75 18.05
CA GLY A 117 -2.86 0.75 19.09
C GLY A 117 -2.79 1.23 20.52
N ASP A 118 -2.12 2.35 20.76
CA ASP A 118 -1.96 2.87 22.12
C ASP A 118 -2.89 4.03 22.47
N ARG A 119 -3.43 4.69 21.46
CA ARG A 119 -4.35 5.81 21.71
C ARG A 119 -5.81 5.39 21.68
N CYS A 120 -6.05 4.10 21.45
CA CYS A 120 -7.37 3.52 21.38
C CYS A 120 -7.21 2.04 21.66
N ARG A 121 -7.26 1.69 22.93
CA ARG A 121 -7.08 0.32 23.38
C ARG A 121 -8.22 -0.60 22.96
N SER A 122 -9.43 -0.05 22.83
CA SER A 122 -10.58 -0.88 22.44
C SER A 122 -10.53 -1.38 20.99
N LEU A 123 -9.68 -0.79 20.18
CA LEU A 123 -9.53 -1.25 18.80
C LEU A 123 -8.22 -2.00 18.54
N THR A 124 -7.35 -2.07 19.55
CA THR A 124 -6.06 -2.77 19.40
C THR A 124 -6.25 -4.21 18.92
N GLY A 125 -5.60 -4.55 17.81
CA GLY A 125 -5.73 -5.88 17.27
C GLY A 125 -6.95 -6.05 16.40
N LYS A 126 -7.61 -4.93 16.11
CA LYS A 126 -8.80 -4.97 15.27
C LYS A 126 -8.58 -4.14 14.01
N PRO A 127 -9.06 -4.65 12.87
CA PRO A 127 -8.93 -3.96 11.59
C PRO A 127 -9.54 -2.56 11.56
N LYS A 128 -8.71 -1.61 11.13
CA LYS A 128 -9.04 -0.20 11.02
C LYS A 128 -8.93 0.22 9.54
N LEU A 129 -10.05 0.20 8.82
CA LEU A 129 -10.07 0.54 7.40
C LEU A 129 -10.36 2.00 7.08
N PHE A 130 -9.48 2.62 6.30
CA PHE A 130 -9.64 4.00 5.90
C PHE A 130 -9.77 4.11 4.37
N ILE A 131 -11.00 4.24 3.89
CA ILE A 131 -11.23 4.36 2.46
C ILE A 131 -11.10 5.84 2.11
N ILE A 132 -10.20 6.17 1.19
CA ILE A 132 -10.00 7.57 0.82
C ILE A 132 -10.27 7.90 -0.65
N GLN A 133 -11.21 8.79 -0.89
CA GLN A 133 -11.55 9.25 -2.23
C GLN A 133 -11.14 10.71 -2.28
N ALA A 134 -9.96 10.97 -2.81
CA ALA A 134 -9.44 12.32 -2.88
C ALA A 134 -8.23 12.29 -3.78
N CYS A 135 -7.76 13.47 -4.17
CA CYS A 135 -6.58 13.54 -5.03
C CYS A 135 -5.34 13.38 -4.17
N ARG A 136 -4.24 13.02 -4.82
CA ARG A 136 -2.96 12.82 -4.13
C ARG A 136 -1.87 13.53 -4.92
N GLY A 137 -2.28 14.53 -5.69
CA GLY A 137 -1.35 15.28 -6.50
C GLY A 137 -2.01 15.74 -7.78
N THR A 138 -1.22 16.16 -8.75
CA THR A 138 -1.76 16.66 -10.01
C THR A 138 -1.20 15.96 -11.24
N GLU A 139 -0.86 14.69 -11.13
CA GLU A 139 -0.35 13.98 -12.30
C GLU A 139 -1.51 13.28 -13.02
N LEU A 140 -1.43 13.27 -14.34
CA LEU A 140 -2.44 12.66 -15.20
C LEU A 140 -1.86 11.39 -15.78
N ASP A 141 -2.60 10.28 -15.67
CA ASP A 141 -2.13 9.01 -16.22
C ASP A 141 -2.71 8.87 -17.62
N CYS A 142 -1.87 9.03 -18.64
CA CYS A 142 -2.32 8.93 -20.02
C CYS A 142 -2.61 7.50 -20.45
N GLY A 143 -2.17 6.54 -19.65
CA GLY A 143 -2.42 5.15 -19.98
C GLY A 143 -1.71 4.63 -21.23
N ILE A 144 -1.96 3.37 -21.56
CA ILE A 144 -1.37 2.71 -22.72
C ILE A 144 -2.32 1.62 -23.21
N GLU A 145 -2.39 1.45 -24.53
CA GLU A 145 -3.27 0.46 -25.14
C GLU A 145 -2.88 -0.96 -24.79
N THR A 146 -3.86 -1.86 -24.84
CA THR A 146 -3.65 -3.27 -24.51
C THR A 146 -3.95 -4.15 -25.72
N HIS B 10 5.55 -9.71 24.57
CA HIS B 10 4.41 -10.01 23.72
C HIS B 10 3.61 -8.76 23.38
N LYS B 11 4.05 -8.00 22.38
CA LYS B 11 3.33 -6.81 21.99
C LYS B 11 3.29 -6.62 20.47
N ILE B 12 2.53 -5.62 20.00
CA ILE B 12 2.43 -5.35 18.57
C ILE B 12 2.75 -3.92 18.20
N PRO B 13 3.09 -3.68 16.93
CA PRO B 13 3.41 -2.33 16.47
C PRO B 13 2.13 -1.46 16.58
N VAL B 14 2.28 -0.19 16.90
CA VAL B 14 1.11 0.68 17.01
C VAL B 14 0.58 1.12 15.65
N GLU B 15 1.28 0.74 14.59
CA GLU B 15 0.87 1.09 13.24
C GLU B 15 0.29 -0.10 12.53
N ALA B 16 0.30 -1.25 13.20
CA ALA B 16 -0.23 -2.47 12.60
C ALA B 16 -1.76 -2.51 12.60
N ASP B 17 -2.31 -3.41 11.78
CA ASP B 17 -3.74 -3.58 11.66
C ASP B 17 -4.45 -2.40 11.01
N PHE B 18 -3.71 -1.60 10.25
CA PHE B 18 -4.29 -0.47 9.54
C PHE B 18 -4.38 -0.84 8.06
N LEU B 19 -5.38 -0.32 7.37
CA LEU B 19 -5.54 -0.62 5.95
C LEU B 19 -6.05 0.62 5.24
N TYR B 20 -5.29 1.15 4.29
CA TYR B 20 -5.75 2.33 3.56
C TYR B 20 -6.12 1.98 2.13
N ALA B 21 -7.31 2.38 1.72
CA ALA B 21 -7.74 2.12 0.36
C ALA B 21 -7.84 3.46 -0.37
N TYR B 22 -6.76 3.82 -1.05
CA TYR B 22 -6.73 5.06 -1.80
C TYR B 22 -7.44 4.85 -3.13
N SER B 23 -8.04 5.92 -3.64
CA SER B 23 -8.77 5.85 -4.91
C SER B 23 -7.79 5.94 -6.08
N THR B 24 -6.64 6.55 -5.85
CA THR B 24 -5.64 6.71 -6.90
C THR B 24 -4.20 6.53 -6.37
N ALA B 25 -3.25 6.44 -7.30
CA ALA B 25 -1.84 6.28 -6.96
C ALA B 25 -1.28 7.58 -6.42
N PRO B 26 -0.12 7.52 -5.73
CA PRO B 26 0.48 8.74 -5.18
C PRO B 26 0.76 9.77 -6.27
N GLY B 27 0.63 11.05 -5.94
CA GLY B 27 0.90 12.10 -6.90
C GLY B 27 -0.14 12.25 -8.00
N TYR B 28 -1.11 11.35 -8.03
CA TYR B 28 -2.14 11.41 -9.08
C TYR B 28 -3.51 11.95 -8.67
N TYR B 29 -4.23 12.37 -9.69
CA TYR B 29 -5.58 12.89 -9.60
C TYR B 29 -6.53 11.72 -9.40
N SER B 30 -7.74 12.02 -9.00
CA SER B 30 -8.72 10.99 -8.79
C SER B 30 -9.93 11.54 -9.54
N TRP B 31 -10.54 10.71 -10.38
CA TRP B 31 -11.67 11.15 -11.17
C TRP B 31 -13.03 10.85 -10.58
N ARG B 32 -13.98 11.74 -10.89
CA ARG B 32 -15.35 11.63 -10.39
C ARG B 32 -16.37 12.02 -11.47
N ASN B 33 -17.47 11.28 -11.54
CA ASN B 33 -18.53 11.56 -12.52
C ASN B 33 -19.62 12.44 -11.86
N SER B 34 -20.19 13.38 -12.61
CA SER B 34 -21.23 14.28 -12.07
C SER B 34 -22.47 13.58 -11.54
N LYS B 35 -22.90 12.52 -12.22
CA LYS B 35 -24.11 11.83 -11.81
C LYS B 35 -23.90 10.45 -11.20
N ASP B 36 -22.94 9.71 -11.70
CA ASP B 36 -22.70 8.36 -11.18
C ASP B 36 -21.87 8.32 -9.89
N GLY B 37 -21.00 9.30 -9.69
CA GLY B 37 -20.17 9.31 -8.51
C GLY B 37 -18.76 8.87 -8.87
N SER B 38 -17.81 9.09 -7.97
CA SER B 38 -16.41 8.73 -8.21
C SER B 38 -16.28 7.26 -8.60
N TRP B 39 -15.40 7.02 -9.58
CA TRP B 39 -15.11 5.68 -10.10
C TRP B 39 -14.76 4.70 -9.00
N PHE B 40 -13.92 5.15 -8.07
CA PHE B 40 -13.48 4.32 -6.96
C PHE B 40 -14.63 3.85 -6.13
N ILE B 41 -15.35 4.80 -5.55
CA ILE B 41 -16.48 4.45 -4.70
C ILE B 41 -17.50 3.59 -5.41
N GLN B 42 -17.86 3.94 -6.63
CA GLN B 42 -18.85 3.14 -7.32
C GLN B 42 -18.37 1.74 -7.64
N SER B 43 -17.08 1.57 -7.84
CA SER B 43 -16.55 0.23 -8.11
C SER B 43 -16.47 -0.50 -6.77
N LEU B 44 -15.93 0.18 -5.76
CA LEU B 44 -15.82 -0.42 -4.44
C LEU B 44 -17.17 -0.95 -3.92
N CYS B 45 -18.22 -0.15 -4.05
CA CYS B 45 -19.55 -0.57 -3.56
C CYS B 45 -20.07 -1.76 -4.32
N ALA B 46 -19.85 -1.76 -5.63
CA ALA B 46 -20.32 -2.83 -6.49
C ALA B 46 -19.57 -4.14 -6.23
N MET B 47 -18.27 -4.05 -6.02
CA MET B 47 -17.51 -5.25 -5.75
C MET B 47 -17.90 -5.80 -4.36
N LEU B 48 -18.11 -4.91 -3.40
CA LEU B 48 -18.52 -5.33 -2.05
C LEU B 48 -19.87 -6.01 -2.10
N LYS B 49 -20.79 -5.42 -2.84
CA LYS B 49 -22.12 -5.98 -2.94
C LYS B 49 -22.10 -7.35 -3.62
N GLN B 50 -21.09 -7.60 -4.44
CA GLN B 50 -21.04 -8.86 -5.16
C GLN B 50 -20.11 -9.94 -4.59
N TYR B 51 -19.09 -9.55 -3.84
CA TYR B 51 -18.14 -10.53 -3.32
C TYR B 51 -17.91 -10.57 -1.81
N ALA B 52 -18.50 -9.64 -1.06
CA ALA B 52 -18.31 -9.59 0.38
C ALA B 52 -18.87 -10.81 1.12
N ASP B 53 -19.31 -11.83 0.39
CA ASP B 53 -19.87 -13.02 1.02
C ASP B 53 -19.11 -14.27 0.60
N LYS B 54 -18.00 -14.07 -0.10
CA LYS B 54 -17.20 -15.19 -0.56
C LYS B 54 -15.72 -14.85 -0.81
N LEU B 55 -15.37 -13.56 -0.74
CA LEU B 55 -13.98 -13.18 -0.96
C LEU B 55 -13.36 -12.42 0.20
N GLU B 56 -12.05 -12.58 0.36
CA GLU B 56 -11.32 -11.87 1.40
C GLU B 56 -11.19 -10.40 0.96
N PHE B 57 -11.19 -9.48 1.91
CA PHE B 57 -11.12 -8.08 1.55
C PHE B 57 -10.04 -7.70 0.54
N MET B 58 -8.81 -8.18 0.73
CA MET B 58 -7.73 -7.85 -0.21
C MET B 58 -8.09 -8.27 -1.63
N HIS B 59 -8.70 -9.45 -1.77
CA HIS B 59 -9.08 -9.96 -3.06
C HIS B 59 -10.19 -9.12 -3.70
N ILE B 60 -11.05 -8.57 -2.86
CA ILE B 60 -12.13 -7.73 -3.33
C ILE B 60 -11.56 -6.42 -3.87
N LEU B 61 -10.61 -5.83 -3.14
CA LEU B 61 -10.01 -4.58 -3.57
C LEU B 61 -9.17 -4.75 -4.83
N THR B 62 -8.74 -5.97 -5.13
CA THR B 62 -7.95 -6.24 -6.32
C THR B 62 -8.93 -6.14 -7.49
N ARG B 63 -10.14 -6.66 -7.29
CA ARG B 63 -11.23 -6.59 -8.27
C ARG B 63 -11.55 -5.11 -8.51
N VAL B 64 -11.59 -4.34 -7.43
CA VAL B 64 -11.88 -2.93 -7.52
C VAL B 64 -10.82 -2.25 -8.36
N ASN B 65 -9.58 -2.69 -8.20
CA ASN B 65 -8.50 -2.11 -8.99
C ASN B 65 -8.68 -2.36 -10.49
N ARG B 66 -9.01 -3.60 -10.86
CA ARG B 66 -9.19 -3.98 -12.25
C ARG B 66 -10.38 -3.27 -12.91
N LYS B 67 -11.48 -3.14 -12.17
CA LYS B 67 -12.68 -2.48 -12.67
C LYS B 67 -12.33 -1.01 -12.95
N VAL B 68 -11.69 -0.36 -11.98
CA VAL B 68 -11.32 1.05 -12.16
C VAL B 68 -10.28 1.26 -13.26
N ALA B 69 -9.28 0.39 -13.30
CA ALA B 69 -8.24 0.54 -14.31
C ALA B 69 -8.74 0.22 -15.71
N THR B 70 -9.54 -0.83 -15.85
CA THR B 70 -10.03 -1.22 -17.18
C THR B 70 -11.30 -0.57 -17.73
N GLU B 71 -12.34 -0.44 -16.91
CA GLU B 71 -13.63 0.10 -17.38
C GLU B 71 -13.81 1.61 -17.33
N PHE B 72 -12.80 2.36 -16.92
CA PHE B 72 -12.95 3.81 -16.84
C PHE B 72 -11.90 4.60 -17.61
N GLU B 73 -12.33 5.72 -18.17
CA GLU B 73 -11.48 6.63 -18.93
C GLU B 73 -12.14 8.00 -18.88
N SER B 74 -11.36 9.04 -18.57
CA SER B 74 -11.92 10.37 -18.49
C SER B 74 -12.34 10.92 -19.83
N PHE B 75 -13.19 11.95 -19.79
CA PHE B 75 -13.71 12.61 -20.98
C PHE B 75 -13.80 14.10 -20.70
N SER B 76 -13.18 14.90 -21.54
CA SER B 76 -13.18 16.33 -21.30
C SER B 76 -13.03 17.12 -22.60
N PHE B 77 -13.57 18.34 -22.65
CA PHE B 77 -13.44 19.15 -23.86
C PHE B 77 -12.04 19.75 -23.87
N ASP B 78 -11.41 19.69 -22.71
CA ASP B 78 -10.06 20.19 -22.53
C ASP B 78 -9.14 18.97 -22.70
N ALA B 79 -8.37 18.92 -23.79
CA ALA B 79 -7.47 17.79 -24.04
C ALA B 79 -6.69 17.40 -22.79
N THR B 80 -6.12 18.40 -22.13
CA THR B 80 -5.33 18.18 -20.92
C THR B 80 -5.91 17.18 -19.91
N PHE B 81 -7.24 17.16 -19.75
CA PHE B 81 -7.87 16.23 -18.83
C PHE B 81 -8.68 15.15 -19.54
N HIS B 82 -8.46 15.02 -20.84
CA HIS B 82 -9.21 14.05 -21.63
C HIS B 82 -8.51 12.71 -21.85
N ALA B 83 -9.25 11.61 -21.77
CA ALA B 83 -8.67 10.29 -22.00
C ALA B 83 -7.62 9.90 -20.94
N LYS B 84 -7.93 10.18 -19.70
CA LYS B 84 -6.99 9.86 -18.63
C LYS B 84 -7.42 8.60 -17.88
N LYS B 85 -6.46 7.90 -17.29
CA LYS B 85 -6.77 6.66 -16.59
C LYS B 85 -6.53 6.76 -15.10
N GLN B 86 -6.95 5.74 -14.35
CA GLN B 86 -6.77 5.71 -12.90
C GLN B 86 -6.58 4.29 -12.34
N ILE B 87 -5.75 4.20 -11.30
CA ILE B 87 -5.48 2.93 -10.64
C ILE B 87 -5.56 3.12 -9.11
N PRO B 88 -6.40 2.32 -8.44
CA PRO B 88 -6.47 2.49 -6.99
C PRO B 88 -5.22 1.95 -6.30
N CYS B 89 -4.93 2.46 -5.12
CA CYS B 89 -3.75 2.07 -4.37
C CYS B 89 -4.06 1.50 -2.99
N ILE B 90 -3.95 0.18 -2.86
CA ILE B 90 -4.20 -0.52 -1.60
C ILE B 90 -2.94 -0.51 -0.75
N VAL B 91 -3.05 0.00 0.47
CA VAL B 91 -1.94 0.09 1.40
C VAL B 91 -2.33 -0.64 2.68
N SER B 92 -1.84 -1.88 2.82
CA SER B 92 -2.15 -2.71 3.96
C SER B 92 -1.04 -3.02 4.96
N MET B 93 -1.34 -2.70 6.21
CA MET B 93 -0.46 -2.98 7.34
C MET B 93 -1.20 -4.01 8.18
N LEU B 94 -2.10 -4.76 7.57
CA LEU B 94 -2.83 -5.77 8.33
C LEU B 94 -1.97 -6.98 8.63
N THR B 95 -2.43 -7.81 9.56
CA THR B 95 -1.68 -8.99 9.94
C THR B 95 -2.50 -10.27 9.83
N LYS B 96 -3.77 -10.12 9.44
CA LYS B 96 -4.66 -11.25 9.26
C LYS B 96 -5.54 -11.01 8.06
N GLU B 97 -6.33 -12.00 7.71
CA GLU B 97 -7.24 -11.88 6.59
C GLU B 97 -8.55 -11.28 7.07
N LEU B 98 -9.21 -10.52 6.19
CA LEU B 98 -10.47 -9.86 6.54
C LEU B 98 -11.65 -10.41 5.74
N TYR B 99 -12.68 -10.85 6.46
CA TYR B 99 -13.91 -11.37 5.85
C TYR B 99 -15.08 -10.70 6.52
N PHE B 100 -16.01 -10.20 5.73
CA PHE B 100 -17.18 -9.52 6.29
C PHE B 100 -18.29 -10.49 6.63
N TYR B 101 -17.98 -11.50 7.45
CA TYR B 101 -18.99 -12.48 7.84
C TYR B 101 -18.37 -13.63 8.63
N ASN C 7 -10.02 -13.31 -11.10
CA ASN C 7 -9.06 -13.49 -12.18
C ASN C 7 -7.60 -13.48 -11.70
N SER C 8 -6.76 -14.25 -12.39
CA SER C 8 -5.36 -14.36 -12.03
C SER C 8 -4.39 -14.12 -13.17
N TYR C 9 -3.28 -13.49 -12.86
CA TYR C 9 -2.26 -13.27 -13.87
C TYR C 9 -1.80 -14.56 -14.54
N LYS C 10 -1.45 -14.45 -15.81
CA LYS C 10 -1.00 -15.61 -16.57
C LYS C 10 0.47 -15.85 -16.14
N MET C 11 0.74 -16.99 -15.51
CA MET C 11 2.09 -17.33 -15.04
C MET C 11 2.61 -18.59 -15.72
N ASP C 12 2.02 -18.94 -16.86
CA ASP C 12 2.44 -20.13 -17.62
C ASP C 12 3.24 -19.79 -18.87
N TYR C 13 3.89 -18.63 -18.86
CA TYR C 13 4.74 -18.24 -19.98
C TYR C 13 5.96 -19.14 -19.92
N PRO C 14 6.74 -19.21 -21.01
CA PRO C 14 7.94 -20.06 -20.99
C PRO C 14 8.81 -19.82 -19.76
N GLU C 15 8.97 -18.55 -19.38
CA GLU C 15 9.79 -18.16 -18.24
C GLU C 15 9.04 -17.34 -17.19
N MET C 16 9.29 -17.63 -15.91
CA MET C 16 8.66 -16.89 -14.82
C MET C 16 9.08 -15.42 -14.84
N GLY C 17 10.33 -15.19 -15.25
CA GLY C 17 10.82 -13.83 -15.30
C GLY C 17 12.13 -13.64 -14.55
N LEU C 18 12.65 -12.44 -14.60
CA LEU C 18 13.89 -12.14 -13.92
C LEU C 18 13.62 -11.72 -12.48
N CYS C 19 14.64 -11.92 -11.64
CA CYS C 19 14.58 -11.53 -10.23
C CYS C 19 15.88 -10.78 -9.93
N ILE C 20 15.85 -9.47 -10.10
CA ILE C 20 17.01 -8.63 -9.84
C ILE C 20 17.16 -8.31 -8.37
N ILE C 21 18.35 -8.54 -7.81
CA ILE C 21 18.62 -8.28 -6.41
C ILE C 21 19.83 -7.37 -6.26
N ILE C 22 19.61 -6.12 -5.83
CA ILE C 22 20.70 -5.18 -5.66
C ILE C 22 21.04 -5.19 -4.17
N ASN C 23 22.23 -5.68 -3.85
CA ASN C 23 22.64 -5.77 -2.45
C ASN C 23 23.77 -4.77 -2.15
N ASN C 24 23.48 -3.81 -1.28
CA ASN C 24 24.48 -2.81 -0.89
C ASN C 24 24.83 -2.95 0.58
N LYS C 25 26.10 -3.22 0.87
CA LYS C 25 26.55 -3.41 2.24
C LYS C 25 27.54 -2.34 2.69
N ASN C 26 28.37 -1.85 1.78
CA ASN C 26 29.36 -0.84 2.14
C ASN C 26 29.09 0.51 1.47
N PHE C 27 29.05 1.58 2.26
CA PHE C 27 28.79 2.90 1.74
C PHE C 27 29.92 3.87 2.03
N HIS C 28 30.05 4.89 1.18
CA HIS C 28 31.07 5.91 1.36
C HIS C 28 30.65 6.71 2.58
N LYS C 29 31.60 7.29 3.31
CA LYS C 29 31.24 8.07 4.49
C LYS C 29 30.53 9.37 4.15
N SER C 30 30.43 9.68 2.86
CA SER C 30 29.76 10.89 2.41
C SER C 30 28.29 10.83 2.82
N THR C 31 27.86 9.64 3.25
CA THR C 31 26.49 9.44 3.66
C THR C 31 26.43 9.16 5.16
N GLY C 32 27.59 8.95 5.75
CA GLY C 32 27.64 8.66 7.17
C GLY C 32 26.74 7.51 7.56
N MET C 33 26.78 6.44 6.77
CA MET C 33 25.95 5.28 7.08
C MET C 33 26.82 4.09 7.40
N THR C 34 26.45 3.36 8.45
CA THR C 34 27.20 2.20 8.88
C THR C 34 26.85 1.00 8.00
N SER C 35 27.88 0.31 7.53
CA SER C 35 27.70 -0.86 6.68
C SER C 35 26.65 -1.79 7.28
N ARG C 36 25.76 -2.30 6.45
CA ARG C 36 24.70 -3.18 6.93
C ARG C 36 25.04 -4.67 6.97
N SER C 37 25.55 -5.10 8.13
CA SER C 37 25.93 -6.50 8.33
C SER C 37 24.71 -7.42 8.33
N GLY C 38 24.88 -8.60 7.74
CA GLY C 38 23.81 -9.57 7.68
C GLY C 38 23.08 -9.52 6.36
N THR C 39 23.21 -8.41 5.65
CA THR C 39 22.54 -8.23 4.37
C THR C 39 22.89 -9.35 3.40
N ASP C 40 24.09 -9.94 3.57
CA ASP C 40 24.52 -11.04 2.71
C ASP C 40 23.64 -12.25 2.96
N VAL C 41 23.24 -12.47 4.22
CA VAL C 41 22.40 -13.62 4.52
C VAL C 41 21.09 -13.42 3.76
N ASP C 42 20.55 -12.19 3.78
CA ASP C 42 19.29 -11.87 3.07
C ASP C 42 19.40 -12.11 1.57
N ALA C 43 20.50 -11.66 0.98
CA ALA C 43 20.70 -11.85 -0.46
C ALA C 43 20.78 -13.32 -0.79
N ALA C 44 21.50 -14.08 0.02
CA ALA C 44 21.65 -15.51 -0.21
C ALA C 44 20.30 -16.18 -0.07
N ASN C 45 19.59 -15.85 1.00
CA ASN C 45 18.28 -16.44 1.25
C ASN C 45 17.27 -16.16 0.13
N LEU C 46 17.29 -14.93 -0.39
CA LEU C 46 16.39 -14.54 -1.48
C LEU C 46 16.71 -15.34 -2.72
N ARG C 47 18.00 -15.35 -3.07
CA ARG C 47 18.48 -16.07 -4.23
C ARG C 47 17.95 -17.51 -4.26
N GLU C 48 18.07 -18.21 -3.14
CA GLU C 48 17.59 -19.58 -3.08
C GLU C 48 16.07 -19.67 -3.26
N THR C 49 15.35 -18.82 -2.53
CA THR C 49 13.88 -18.78 -2.57
C THR C 49 13.33 -18.53 -3.94
N PHE C 50 13.87 -17.53 -4.63
CA PHE C 50 13.41 -17.24 -6.00
C PHE C 50 13.86 -18.30 -7.00
N ARG C 51 15.01 -18.94 -6.76
CA ARG C 51 15.45 -19.99 -7.66
C ARG C 51 14.37 -21.06 -7.64
N ASN C 52 13.84 -21.32 -6.45
CA ASN C 52 12.80 -22.33 -6.32
C ASN C 52 11.47 -21.95 -6.95
N LEU C 53 11.19 -20.65 -7.03
CA LEU C 53 9.95 -20.17 -7.63
C LEU C 53 10.15 -20.09 -9.13
N LYS C 54 11.30 -20.62 -9.56
CA LYS C 54 11.73 -20.69 -10.96
C LYS C 54 12.11 -19.38 -11.60
N TYR C 55 12.63 -18.46 -10.82
CA TYR C 55 13.06 -17.18 -11.37
C TYR C 55 14.53 -17.19 -11.74
N GLU C 56 14.89 -16.33 -12.69
CA GLU C 56 16.26 -16.18 -13.13
C GLU C 56 16.82 -15.10 -12.24
N VAL C 57 17.57 -15.50 -11.22
CA VAL C 57 18.12 -14.55 -10.26
C VAL C 57 19.44 -13.91 -10.66
N ARG C 58 19.49 -12.59 -10.64
CA ARG C 58 20.72 -11.86 -10.97
C ARG C 58 21.06 -10.97 -9.78
N ASN C 59 22.10 -11.37 -9.04
CA ASN C 59 22.54 -10.62 -7.86
C ASN C 59 23.60 -9.58 -8.24
N LYS C 60 23.54 -8.42 -7.60
CA LYS C 60 24.51 -7.36 -7.86
C LYS C 60 24.95 -6.82 -6.51
N ASN C 61 26.20 -6.38 -6.38
CA ASN C 61 26.64 -5.87 -5.09
C ASN C 61 27.26 -4.48 -5.12
N ASP C 62 27.13 -3.78 -4.01
CA ASP C 62 27.66 -2.39 -3.79
C ASP C 62 27.63 -1.48 -5.03
N LEU C 63 26.44 -1.32 -5.62
CA LEU C 63 26.24 -0.48 -6.80
C LEU C 63 26.09 0.97 -6.40
N THR C 64 26.58 1.86 -7.24
CA THR C 64 26.43 3.28 -6.95
C THR C 64 25.10 3.70 -7.54
N ARG C 65 24.63 4.88 -7.14
CA ARG C 65 23.37 5.40 -7.64
C ARG C 65 23.32 5.29 -9.17
N GLU C 66 24.37 5.79 -9.83
CA GLU C 66 24.43 5.74 -11.29
C GLU C 66 24.30 4.30 -11.79
N GLU C 67 25.08 3.39 -11.22
CA GLU C 67 25.03 1.99 -11.63
C GLU C 67 23.64 1.37 -11.51
N ILE C 68 22.90 1.76 -10.47
CA ILE C 68 21.55 1.26 -10.26
C ILE C 68 20.62 1.70 -11.38
N VAL C 69 20.68 2.98 -11.70
CA VAL C 69 19.86 3.54 -12.76
C VAL C 69 20.20 2.88 -14.09
N GLU C 70 21.49 2.85 -14.41
CA GLU C 70 21.96 2.23 -15.64
C GLU C 70 21.53 0.76 -15.72
N LEU C 71 21.61 0.06 -14.59
CA LEU C 71 21.26 -1.35 -14.53
C LEU C 71 19.77 -1.60 -14.79
N MET C 72 18.95 -0.81 -14.13
CA MET C 72 17.51 -0.91 -14.25
C MET C 72 17.07 -0.48 -15.64
N ARG C 73 17.77 0.50 -16.20
CA ARG C 73 17.46 0.98 -17.52
C ARG C 73 17.70 -0.13 -18.53
N ASP C 74 18.69 -0.98 -18.28
CA ASP C 74 18.99 -2.06 -19.21
C ASP C 74 18.04 -3.23 -19.08
N VAL C 75 17.59 -3.51 -17.86
CA VAL C 75 16.68 -4.62 -17.63
C VAL C 75 15.34 -4.35 -18.30
N SER C 76 14.99 -3.06 -18.36
CA SER C 76 13.74 -2.63 -18.99
C SER C 76 13.80 -2.73 -20.52
N LYS C 77 14.96 -2.43 -21.08
CA LYS C 77 15.13 -2.50 -22.51
C LYS C 77 15.26 -3.93 -23.00
N GLU C 78 15.19 -4.88 -22.08
CA GLU C 78 15.28 -6.27 -22.46
C GLU C 78 13.92 -6.72 -22.98
N ASP C 79 13.85 -7.94 -23.48
CA ASP C 79 12.60 -8.48 -23.99
C ASP C 79 12.04 -9.48 -22.99
N HIS C 80 10.91 -9.14 -22.39
CA HIS C 80 10.31 -10.01 -21.40
C HIS C 80 9.14 -10.75 -21.99
N SER C 81 8.99 -10.65 -23.31
CA SER C 81 7.91 -11.29 -24.04
C SER C 81 7.63 -12.72 -23.59
N LYS C 82 8.68 -13.47 -23.31
CA LYS C 82 8.50 -14.85 -22.89
C LYS C 82 8.51 -15.04 -21.38
N ARG C 83 8.49 -13.94 -20.64
CA ARG C 83 8.50 -13.96 -19.17
C ARG C 83 7.15 -13.59 -18.56
N SER C 84 6.81 -14.23 -17.45
CA SER C 84 5.54 -13.97 -16.79
C SER C 84 5.54 -12.73 -15.93
N SER C 85 6.69 -12.40 -15.37
CA SER C 85 6.73 -11.26 -14.49
C SER C 85 8.10 -10.67 -14.30
N PHE C 86 8.19 -9.80 -13.31
CA PHE C 86 9.43 -9.14 -12.97
C PHE C 86 9.49 -8.85 -11.48
N VAL C 87 10.61 -9.23 -10.87
CA VAL C 87 10.81 -8.99 -9.45
C VAL C 87 12.12 -8.24 -9.26
N CYS C 88 12.11 -7.27 -8.37
CA CYS C 88 13.30 -6.49 -8.09
C CYS C 88 13.39 -6.33 -6.57
N VAL C 89 14.48 -6.82 -5.98
CA VAL C 89 14.68 -6.72 -4.54
C VAL C 89 15.74 -5.67 -4.25
N LEU C 90 15.43 -4.72 -3.38
CA LEU C 90 16.35 -3.67 -3.01
C LEU C 90 16.72 -3.79 -1.55
N LEU C 91 18.01 -3.99 -1.27
CA LEU C 91 18.48 -4.13 0.10
C LEU C 91 19.49 -3.03 0.39
N SER C 92 19.10 -2.04 1.16
CA SER C 92 20.02 -0.94 1.45
C SER C 92 19.45 0.06 2.42
N HIS C 93 20.19 1.14 2.65
CA HIS C 93 19.72 2.19 3.52
C HIS C 93 18.69 2.96 2.69
N GLY C 94 17.85 3.75 3.34
CA GLY C 94 16.85 4.50 2.61
C GLY C 94 16.06 5.47 3.47
N GLU C 95 15.33 6.34 2.77
CA GLU C 95 14.47 7.33 3.38
C GLU C 95 13.14 7.17 2.67
N GLU C 96 12.15 7.96 3.06
CA GLU C 96 10.85 7.87 2.43
C GLU C 96 10.96 8.11 0.93
N GLY C 97 10.58 7.09 0.16
CA GLY C 97 10.62 7.18 -1.29
C GLY C 97 12.02 7.30 -1.85
N ILE C 98 13.03 6.88 -1.08
CA ILE C 98 14.41 6.97 -1.55
C ILE C 98 15.26 5.75 -1.18
N ILE C 99 16.02 5.26 -2.15
CA ILE C 99 16.89 4.11 -1.92
C ILE C 99 18.34 4.59 -2.09
N PHE C 100 19.23 4.09 -1.24
CA PHE C 100 20.62 4.51 -1.30
C PHE C 100 21.61 3.66 -2.06
N GLY C 101 22.35 4.33 -2.94
CA GLY C 101 23.40 3.68 -3.68
C GLY C 101 24.59 3.82 -2.77
N THR C 102 25.66 3.07 -3.00
CA THR C 102 26.85 3.17 -2.15
C THR C 102 27.39 4.60 -1.99
N ASN C 103 27.14 5.45 -2.98
CA ASN C 103 27.66 6.83 -2.97
C ASN C 103 26.62 7.92 -2.79
N GLY C 104 25.34 7.57 -2.92
CA GLY C 104 24.33 8.60 -2.76
C GLY C 104 22.93 8.07 -2.92
N PRO C 105 21.94 8.89 -2.58
CA PRO C 105 20.54 8.48 -2.70
C PRO C 105 19.99 8.63 -4.12
N VAL C 106 18.86 7.98 -4.34
CA VAL C 106 18.19 8.02 -5.63
C VAL C 106 16.70 7.65 -5.43
N ASP C 107 15.81 8.45 -5.98
CA ASP C 107 14.37 8.23 -5.84
C ASP C 107 13.88 6.89 -6.39
N LEU C 108 13.03 6.19 -5.65
CA LEU C 108 12.51 4.92 -6.10
C LEU C 108 11.66 5.11 -7.34
N LYS C 109 11.02 6.26 -7.44
CA LYS C 109 10.18 6.57 -8.58
C LYS C 109 11.03 6.49 -9.86
N LYS C 110 12.19 7.13 -9.85
CA LYS C 110 13.07 7.13 -11.01
C LYS C 110 13.35 5.72 -11.53
N ILE C 111 13.41 4.76 -10.63
CA ILE C 111 13.66 3.38 -11.00
C ILE C 111 12.39 2.72 -11.54
N THR C 112 11.31 2.80 -10.77
CA THR C 112 10.04 2.22 -11.17
C THR C 112 9.50 2.76 -12.50
N ASN C 113 9.79 4.01 -12.82
CA ASN C 113 9.32 4.58 -14.07
C ASN C 113 9.80 3.82 -15.30
N PHE C 114 10.97 3.19 -15.19
CA PHE C 114 11.49 2.43 -16.31
C PHE C 114 10.57 1.27 -16.66
N PHE C 115 9.86 0.76 -15.66
CA PHE C 115 8.97 -0.38 -15.91
C PHE C 115 7.51 -0.04 -16.17
N ARG C 116 7.21 1.26 -16.26
CA ARG C 116 5.84 1.70 -16.52
C ARG C 116 5.23 1.05 -17.77
N GLY C 117 3.92 0.80 -17.71
CA GLY C 117 3.22 0.16 -18.81
C GLY C 117 3.58 0.66 -20.19
N ASP C 118 3.97 1.93 -20.30
CA ASP C 118 4.29 2.50 -21.61
C ASP C 118 5.76 2.61 -21.96
N ARG C 119 6.64 2.34 -21.01
CA ARG C 119 8.07 2.42 -21.28
C ARG C 119 8.75 1.05 -21.33
N CYS C 120 7.93 0.02 -21.25
CA CYS C 120 8.39 -1.35 -21.29
C CYS C 120 7.17 -2.15 -21.72
N ARG C 121 7.02 -2.28 -23.04
CA ARG C 121 5.87 -2.95 -23.61
C ARG C 121 5.80 -4.43 -23.37
N SER C 122 6.95 -5.10 -23.26
CA SER C 122 6.93 -6.55 -23.05
C SER C 122 6.55 -6.91 -21.61
N LEU C 123 6.36 -5.90 -20.78
CA LEU C 123 5.95 -6.13 -19.40
C LEU C 123 4.52 -5.61 -19.14
N THR C 124 3.97 -4.87 -20.10
CA THR C 124 2.62 -4.34 -19.95
C THR C 124 1.62 -5.44 -19.65
N GLY C 125 0.84 -5.27 -18.57
CA GLY C 125 -0.13 -6.28 -18.20
C GLY C 125 0.44 -7.42 -17.37
N LYS C 126 1.71 -7.31 -17.02
CA LYS C 126 2.36 -8.33 -16.21
C LYS C 126 2.81 -7.77 -14.86
N PRO C 127 2.60 -8.55 -13.79
CA PRO C 127 2.98 -8.15 -12.44
C PRO C 127 4.47 -7.80 -12.32
N LYS C 128 4.72 -6.64 -11.75
CA LYS C 128 6.05 -6.10 -11.53
C LYS C 128 6.23 -5.84 -10.04
N LEU C 129 6.88 -6.80 -9.35
CA LEU C 129 7.10 -6.71 -7.91
C LEU C 129 8.41 -6.06 -7.48
N PHE C 130 8.32 -5.18 -6.49
CA PHE C 130 9.47 -4.50 -5.94
C PHE C 130 9.50 -4.70 -4.43
N ILE C 131 10.41 -5.55 -3.97
CA ILE C 131 10.53 -5.78 -2.54
C ILE C 131 11.60 -4.79 -2.08
N ILE C 132 11.27 -3.97 -1.07
CA ILE C 132 12.22 -2.97 -0.61
C ILE C 132 12.57 -3.10 0.88
N GLN C 133 13.82 -3.46 1.15
CA GLN C 133 14.28 -3.57 2.53
C GLN C 133 15.14 -2.35 2.78
N ALA C 134 14.55 -1.32 3.39
CA ALA C 134 15.25 -0.08 3.68
C ALA C 134 14.46 0.76 4.67
N CYS C 135 15.07 1.84 5.16
CA CYS C 135 14.40 2.72 6.10
C CYS C 135 13.50 3.68 5.32
N ARG C 136 12.46 4.19 5.96
CA ARG C 136 11.52 5.12 5.32
C ARG C 136 11.30 6.33 6.22
N GLY C 137 12.26 6.55 7.11
CA GLY C 137 12.17 7.65 8.05
C GLY C 137 12.97 7.29 9.30
N THR C 138 12.83 8.08 10.34
CA THR C 138 13.54 7.82 11.58
C THR C 138 12.59 7.73 12.76
N GLU C 139 11.39 7.23 12.52
CA GLU C 139 10.44 7.10 13.62
C GLU C 139 10.60 5.69 14.21
N LEU C 140 10.45 5.62 15.52
CA LEU C 140 10.58 4.37 16.27
C LEU C 140 9.22 3.91 16.78
N ASP C 141 8.81 2.69 16.44
CA ASP C 141 7.52 2.16 16.88
C ASP C 141 7.72 1.48 18.23
N CYS C 142 7.15 2.08 19.27
CA CYS C 142 7.27 1.54 20.60
C CYS C 142 6.38 0.35 20.85
N GLY C 143 5.33 0.21 20.07
CA GLY C 143 4.43 -0.91 20.22
C GLY C 143 3.54 -0.78 21.44
N ILE C 144 2.68 -1.77 21.64
CA ILE C 144 1.75 -1.79 22.76
C ILE C 144 1.54 -3.25 23.17
N GLU C 145 1.48 -3.50 24.47
CA GLU C 145 1.32 -4.84 25.01
C GLU C 145 -0.03 -5.42 24.59
N THR C 146 -0.07 -6.73 24.38
CA THR C 146 -1.31 -7.38 23.98
C THR C 146 -1.67 -8.52 24.90
N HIS D 10 -9.41 -1.86 -23.33
CA HIS D 10 -9.13 -0.87 -24.37
C HIS D 10 -7.86 -0.07 -24.04
N LYS D 11 -7.62 0.15 -22.75
CA LYS D 11 -6.44 0.91 -22.34
C LYS D 11 -6.25 0.77 -20.83
N ILE D 12 -5.01 0.80 -20.35
CA ILE D 12 -4.79 0.69 -18.91
C ILE D 12 -3.88 1.76 -18.34
N PRO D 13 -4.00 2.03 -17.03
CA PRO D 13 -3.14 3.05 -16.43
C PRO D 13 -1.69 2.56 -16.52
N VAL D 14 -0.74 3.48 -16.65
CA VAL D 14 0.66 3.08 -16.74
C VAL D 14 1.26 2.77 -15.35
N GLU D 15 0.45 2.95 -14.30
CA GLU D 15 0.93 2.67 -12.95
C GLU D 15 0.38 1.37 -12.41
N ALA D 16 -0.54 0.76 -13.15
CA ALA D 16 -1.14 -0.51 -12.74
C ALA D 16 -0.20 -1.72 -12.86
N ASP D 17 -0.54 -2.79 -12.17
CA ASP D 17 0.24 -4.02 -12.21
C ASP D 17 1.58 -3.87 -11.48
N PHE D 18 1.66 -2.90 -10.57
CA PHE D 18 2.85 -2.65 -9.76
C PHE D 18 2.53 -3.10 -8.34
N LEU D 19 3.54 -3.65 -7.67
CA LEU D 19 3.36 -4.10 -6.31
C LEU D 19 4.62 -3.75 -5.53
N TYR D 20 4.47 -2.99 -4.46
CA TYR D 20 5.62 -2.61 -3.66
C TYR D 20 5.50 -3.28 -2.29
N ALA D 21 6.50 -4.06 -1.91
CA ALA D 21 6.48 -4.71 -0.61
C ALA D 21 7.55 -4.06 0.25
N TYR D 22 7.12 -3.11 1.07
CA TYR D 22 8.00 -2.38 1.95
C TYR D 22 8.24 -3.19 3.22
N SER D 23 9.41 -3.04 3.80
CA SER D 23 9.77 -3.77 5.01
C SER D 23 9.19 -3.10 6.25
N THR D 24 8.96 -1.78 6.17
CA THR D 24 8.41 -1.01 7.28
C THR D 24 7.40 0.04 6.78
N ALA D 25 6.70 0.66 7.73
CA ALA D 25 5.71 1.69 7.43
C ALA D 25 6.41 3.00 7.06
N PRO D 26 5.66 3.93 6.44
CA PRO D 26 6.20 5.25 6.02
C PRO D 26 6.74 5.98 7.22
N GLY D 27 7.87 6.66 7.07
CA GLY D 27 8.46 7.41 8.17
C GLY D 27 9.19 6.61 9.25
N TYR D 28 9.09 5.28 9.18
CA TYR D 28 9.75 4.45 10.18
C TYR D 28 11.08 3.78 9.79
N TYR D 29 11.81 3.35 10.82
CA TYR D 29 13.08 2.66 10.68
C TYR D 29 12.74 1.25 10.26
N SER D 30 13.75 0.53 9.79
CA SER D 30 13.57 -0.86 9.38
C SER D 30 14.68 -1.63 10.12
N TRP D 31 14.30 -2.64 10.90
CA TRP D 31 15.28 -3.41 11.68
C TRP D 31 15.91 -4.61 10.99
N ARG D 32 17.19 -4.80 11.27
CA ARG D 32 17.95 -5.88 10.69
C ARG D 32 18.83 -6.57 11.72
N ASN D 33 18.86 -7.89 11.69
CA ASN D 33 19.68 -8.62 12.64
C ASN D 33 21.06 -8.83 12.01
N SER D 34 22.10 -8.49 12.77
CA SER D 34 23.47 -8.58 12.29
C SER D 34 23.95 -9.98 11.91
N LYS D 35 23.12 -10.99 12.13
CA LYS D 35 23.49 -12.36 11.81
C LYS D 35 22.41 -13.14 11.06
N ASP D 36 21.16 -12.94 11.43
CA ASP D 36 20.04 -13.65 10.81
C ASP D 36 19.55 -12.98 9.54
N GLY D 37 19.76 -11.66 9.46
CA GLY D 37 19.30 -10.91 8.31
C GLY D 37 18.11 -10.05 8.72
N SER D 38 17.64 -9.19 7.82
CA SER D 38 16.51 -8.33 8.13
C SER D 38 15.27 -9.17 8.42
N TRP D 39 14.48 -8.71 9.39
CA TRP D 39 13.23 -9.38 9.81
C TRP D 39 12.35 -9.63 8.58
N PHE D 40 12.22 -8.60 7.76
CA PHE D 40 11.41 -8.67 6.54
C PHE D 40 11.80 -9.81 5.64
N ILE D 41 13.01 -9.74 5.08
CA ILE D 41 13.48 -10.80 4.18
C ILE D 41 13.45 -12.16 4.84
N GLN D 42 13.81 -12.20 6.10
CA GLN D 42 13.79 -13.45 6.82
C GLN D 42 12.39 -14.02 6.80
N SER D 43 11.42 -13.21 7.17
CA SER D 43 10.04 -13.66 7.20
C SER D 43 9.48 -13.87 5.80
N LEU D 44 9.73 -12.90 4.92
CA LEU D 44 9.24 -13.03 3.56
C LEU D 44 9.72 -14.35 2.93
N CYS D 45 11.01 -14.65 3.06
CA CYS D 45 11.54 -15.89 2.49
C CYS D 45 10.89 -17.12 3.09
N ALA D 46 10.79 -17.14 4.41
CA ALA D 46 10.18 -18.27 5.12
C ALA D 46 8.72 -18.49 4.69
N MET D 47 7.97 -17.40 4.59
CA MET D 47 6.57 -17.54 4.19
C MET D 47 6.45 -18.06 2.75
N LEU D 48 7.28 -17.55 1.86
CA LEU D 48 7.26 -18.01 0.47
C LEU D 48 7.62 -19.50 0.41
N LYS D 49 8.61 -19.91 1.18
CA LYS D 49 9.00 -21.31 1.17
C LYS D 49 7.87 -22.18 1.68
N GLN D 50 7.06 -21.63 2.58
CA GLN D 50 5.96 -22.40 3.13
C GLN D 50 4.61 -22.31 2.42
N TYR D 51 4.32 -21.17 1.81
CA TYR D 51 3.01 -21.00 1.17
C TYR D 51 2.94 -20.69 -0.33
N ALA D 52 4.07 -20.42 -0.96
CA ALA D 52 4.08 -20.10 -2.40
C ALA D 52 3.40 -21.14 -3.27
N ASP D 53 3.08 -22.31 -2.72
CA ASP D 53 2.44 -23.33 -3.51
C ASP D 53 0.99 -23.52 -3.12
N LYS D 54 0.47 -22.63 -2.29
CA LYS D 54 -0.91 -22.78 -1.86
C LYS D 54 -1.66 -21.46 -1.66
N LEU D 55 -0.94 -20.36 -1.49
CA LEU D 55 -1.59 -19.08 -1.28
C LEU D 55 -1.31 -18.03 -2.34
N GLU D 56 -2.21 -17.07 -2.44
CA GLU D 56 -2.06 -15.98 -3.37
C GLU D 56 -1.02 -15.07 -2.70
N PHE D 57 -0.21 -14.38 -3.49
CA PHE D 57 0.84 -13.55 -2.94
C PHE D 57 0.40 -12.55 -1.86
N MET D 58 -0.76 -11.93 -2.02
CA MET D 58 -1.24 -10.96 -1.03
C MET D 58 -1.46 -11.63 0.32
N HIS D 59 -2.08 -12.81 0.29
CA HIS D 59 -2.32 -13.53 1.52
C HIS D 59 -0.98 -13.94 2.15
N ILE D 60 0.01 -14.22 1.29
CA ILE D 60 1.32 -14.59 1.78
C ILE D 60 1.99 -13.39 2.48
N LEU D 61 1.83 -12.20 1.92
CA LEU D 61 2.42 -10.99 2.49
C LEU D 61 1.71 -10.53 3.76
N THR D 62 0.53 -11.10 4.03
CA THR D 62 -0.21 -10.75 5.23
C THR D 62 0.41 -11.60 6.33
N ARG D 63 0.85 -12.80 5.93
CA ARG D 63 1.54 -13.73 6.83
C ARG D 63 2.87 -13.09 7.22
N VAL D 64 3.58 -12.55 6.22
CA VAL D 64 4.85 -11.89 6.49
C VAL D 64 4.62 -10.79 7.50
N ASN D 65 3.55 -10.02 7.29
CA ASN D 65 3.21 -8.92 8.20
C ASN D 65 2.98 -9.32 9.67
N ARG D 66 2.29 -10.45 9.88
CA ARG D 66 1.97 -10.95 11.21
C ARG D 66 3.21 -11.52 11.89
N LYS D 67 4.03 -12.19 11.10
CA LYS D 67 5.25 -12.78 11.59
C LYS D 67 6.18 -11.66 12.02
N VAL D 68 6.38 -10.67 11.15
CA VAL D 68 7.22 -9.56 11.49
C VAL D 68 6.70 -8.73 12.66
N ALA D 69 5.39 -8.53 12.71
CA ALA D 69 4.81 -7.73 13.78
C ALA D 69 4.79 -8.44 15.14
N THR D 70 4.55 -9.75 15.15
CA THR D 70 4.48 -10.48 16.40
C THR D 70 5.77 -11.10 16.97
N GLU D 71 6.58 -11.74 16.13
CA GLU D 71 7.80 -12.41 16.58
C GLU D 71 9.07 -11.61 16.74
N PHE D 72 9.07 -10.36 16.29
CA PHE D 72 10.28 -9.56 16.40
C PHE D 72 10.19 -8.35 17.30
N GLU D 73 11.33 -8.01 17.89
CA GLU D 73 11.44 -6.85 18.78
C GLU D 73 12.90 -6.48 18.89
N SER D 74 13.20 -5.19 18.87
CA SER D 74 14.60 -4.80 18.92
C SER D 74 15.26 -4.94 20.28
N PHE D 75 16.58 -5.08 20.25
CA PHE D 75 17.36 -5.19 21.45
C PHE D 75 18.58 -4.28 21.32
N SER D 76 18.67 -3.31 22.20
CA SER D 76 19.76 -2.37 22.18
C SER D 76 20.17 -1.95 23.59
N PHE D 77 21.46 -1.68 23.77
CA PHE D 77 21.96 -1.24 25.07
C PHE D 77 21.57 0.22 25.19
N ASP D 78 21.33 0.84 24.04
CA ASP D 78 20.90 2.23 23.98
C ASP D 78 19.37 2.19 24.07
N ALA D 79 18.82 2.80 25.12
CA ALA D 79 17.37 2.79 25.32
C ALA D 79 16.62 3.19 24.07
N THR D 80 16.95 4.36 23.54
CA THR D 80 16.33 4.88 22.34
C THR D 80 15.99 3.82 21.30
N PHE D 81 16.85 2.81 21.13
CA PHE D 81 16.56 1.79 20.14
C PHE D 81 16.17 0.42 20.66
N HIS D 82 15.85 0.35 21.94
CA HIS D 82 15.49 -0.92 22.55
C HIS D 82 14.00 -1.19 22.62
N ALA D 83 13.65 -2.44 22.34
CA ALA D 83 12.26 -2.87 22.40
C ALA D 83 11.36 -2.14 21.39
N LYS D 84 11.81 -2.06 20.15
CA LYS D 84 11.01 -1.40 19.13
C LYS D 84 10.36 -2.45 18.28
N LYS D 85 9.23 -2.09 17.69
CA LYS D 85 8.50 -3.03 16.84
C LYS D 85 8.63 -2.62 15.37
N GLN D 86 7.95 -3.34 14.49
CA GLN D 86 7.99 -3.06 13.05
C GLN D 86 6.82 -3.74 12.34
N ILE D 87 6.22 -3.04 11.38
CA ILE D 87 5.11 -3.59 10.60
C ILE D 87 5.40 -3.36 9.11
N PRO D 88 5.37 -4.42 8.29
CA PRO D 88 5.65 -4.21 6.87
C PRO D 88 4.47 -3.48 6.16
N CYS D 89 4.75 -2.86 5.02
CA CYS D 89 3.73 -2.12 4.28
C CYS D 89 3.56 -2.58 2.82
N ILE D 90 2.43 -3.22 2.53
CA ILE D 90 2.14 -3.72 1.20
C ILE D 90 1.37 -2.69 0.35
N VAL D 91 2.01 -2.21 -0.70
CA VAL D 91 1.39 -1.23 -1.58
C VAL D 91 1.11 -1.90 -2.92
N SER D 92 -0.16 -2.25 -3.14
CA SER D 92 -0.56 -2.93 -4.36
C SER D 92 -1.44 -2.13 -5.32
N MET D 93 -0.98 -2.07 -6.56
CA MET D 93 -1.68 -1.43 -7.66
C MET D 93 -1.96 -2.54 -8.66
N LEU D 94 -2.05 -3.77 -8.17
CA LEU D 94 -2.32 -4.90 -9.03
C LEU D 94 -3.78 -4.95 -9.41
N THR D 95 -4.09 -5.71 -10.45
CA THR D 95 -5.46 -5.82 -10.93
C THR D 95 -5.92 -7.26 -11.01
N LYS D 96 -5.04 -8.19 -10.64
CA LYS D 96 -5.38 -9.61 -10.63
C LYS D 96 -4.66 -10.28 -9.49
N GLU D 97 -5.01 -11.52 -9.24
CA GLU D 97 -4.40 -12.31 -8.20
C GLU D 97 -3.11 -12.95 -8.69
N LEU D 98 -2.13 -13.06 -7.79
CA LEU D 98 -0.82 -13.63 -8.13
C LEU D 98 -0.59 -14.99 -7.47
N TYR D 99 -0.21 -15.97 -8.28
CA TYR D 99 0.10 -17.33 -7.81
C TYR D 99 1.40 -17.78 -8.44
N PHE D 100 2.29 -18.32 -7.64
CA PHE D 100 3.57 -18.78 -8.17
C PHE D 100 3.53 -20.23 -8.62
N TYR D 101 2.40 -20.65 -9.17
CA TYR D 101 2.27 -22.02 -9.64
C TYR D 101 1.16 -22.12 -10.68
N HIS D 102 1.16 -23.20 -11.44
CA HIS D 102 0.16 -23.43 -12.47
C HIS D 102 0.13 -24.89 -12.90
C ACE E 1 -15.27 12.50 -16.31
O ACE E 1 -14.47 12.72 -17.21
CH3 ACE E 1 -15.54 11.09 -15.86
N TRP E 2 -15.96 13.46 -15.69
CA TRP E 2 -15.84 14.86 -16.04
C TRP E 2 -14.87 15.64 -15.15
N GLU E 3 -15.10 15.57 -13.84
CA GLU E 3 -14.28 16.29 -12.89
C GLU E 3 -13.27 15.44 -12.13
N HIS E 4 -12.39 16.11 -11.39
CA HIS E 4 -11.35 15.44 -10.60
C HIS E 4 -11.32 15.93 -9.16
N ASP E 5 -10.56 15.23 -8.32
CA ASP E 5 -10.45 15.56 -6.91
C ASP E 5 -9.03 15.90 -6.49
C ACE F 1 18.47 -5.80 16.66
O ACE F 1 18.35 -5.12 17.68
CH3 ACE F 1 17.34 -6.62 16.14
N TRP F 2 19.60 -5.86 15.95
CA TRP F 2 20.81 -5.13 16.31
C TRP F 2 20.81 -3.72 15.72
N GLU F 3 20.78 -3.64 14.40
CA GLU F 3 20.83 -2.37 13.69
C GLU F 3 19.58 -2.03 12.89
N HIS F 4 19.55 -0.83 12.33
CA HIS F 4 18.44 -0.36 11.51
C HIS F 4 18.91 0.09 10.13
N ASP F 5 17.97 0.19 9.21
CA ASP F 5 18.27 0.60 7.84
C ASP F 5 17.67 1.96 7.49
#